data_3QFG
#
_entry.id   3QFG
#
_cell.length_a   52.346
_cell.length_b   60.739
_cell.length_c   114.385
_cell.angle_alpha   90.00
_cell.angle_beta   90.00
_cell.angle_gamma   90.00
#
_symmetry.space_group_name_H-M   'P 21 21 21'
#
loop_
_entity.id
_entity.type
_entity.pdbx_description
1 polymer 'Uncharacterized protein'
2 water water
#
_entity_poly.entity_id   1
_entity_poly.type   'polypeptide(L)'
_entity_poly.pdbx_seq_one_letter_code
;(MSE)GSSHHHHHHENLYFQGCGHHQDSAKKESTSHKKKENDNEELNEELKEFKSKKN(MSE)DIKIKGDTIVSDKFEAK
IKEPFIINEKDEKKKYIAFK(MSE)EITAKKDDKDLNPSSISHDYINITQDDKNTVNKLRDGYLLSDKKYKDWTEHNQDQ
IKKGKTAQA(MSE)FIYELRGDGNINLNVHKYSEDKTVDSKSFKFSKLKTEDFSHRAETREEVEKKEKEFEEEYKKEQER
EKEKEKQKDDDHSGLDEV
;
_entity_poly.pdbx_strand_id   A,B
#
# COMPACT_ATOMS: atom_id res chain seq x y z
N ASN A 54 -14.58 -17.88 -7.58
CA ASN A 54 -15.59 -18.17 -8.65
C ASN A 54 -15.03 -17.73 -10.03
N ASP A 56 -12.80 -16.70 -13.40
CA ASP A 56 -11.96 -17.49 -14.30
C ASP A 56 -10.62 -16.82 -14.69
N ILE A 57 -9.63 -17.65 -15.04
CA ILE A 57 -8.23 -17.19 -15.19
C ILE A 57 -7.36 -18.09 -16.09
N LYS A 58 -6.47 -17.45 -16.85
CA LYS A 58 -5.78 -18.07 -17.98
C LYS A 58 -4.41 -17.47 -18.12
N ILE A 59 -3.51 -18.15 -18.81
CA ILE A 59 -2.31 -17.49 -19.28
C ILE A 59 -2.28 -17.49 -20.78
N LYS A 60 -2.24 -16.32 -21.42
CA LYS A 60 -2.17 -16.23 -22.88
C LYS A 60 -0.77 -15.80 -23.23
N GLY A 61 0.04 -16.77 -23.64
CA GLY A 61 1.40 -16.53 -24.10
C GLY A 61 2.27 -16.07 -22.97
N ASP A 62 2.40 -14.76 -22.89
CA ASP A 62 3.19 -14.05 -21.90
C ASP A 62 2.28 -13.19 -21.01
N THR A 63 0.97 -13.46 -21.00
CA THR A 63 0.01 -12.61 -20.32
C THR A 63 -0.98 -13.39 -19.49
N ILE A 64 -1.17 -12.95 -18.25
CA ILE A 64 -2.25 -13.42 -17.40
C ILE A 64 -3.55 -12.73 -17.75
N VAL A 65 -4.66 -13.45 -17.71
CA VAL A 65 -5.94 -12.85 -18.03
C VAL A 65 -7.03 -13.28 -17.05
N SER A 66 -7.72 -12.28 -16.51
CA SER A 66 -8.94 -12.49 -15.73
C SER A 66 -9.98 -11.36 -15.96
N ASP A 67 -11.22 -11.60 -15.52
CA ASP A 67 -12.27 -10.57 -15.59
C ASP A 67 -11.82 -9.26 -14.96
N LYS A 68 -11.02 -9.35 -13.88
CA LYS A 68 -10.58 -8.19 -13.08
C LYS A 68 -9.30 -7.56 -13.57
N PHE A 69 -8.47 -8.33 -14.27
CA PHE A 69 -7.20 -7.79 -14.73
C PHE A 69 -6.43 -8.69 -15.70
N GLU A 70 -5.42 -8.05 -16.29
CA GLU A 70 -4.43 -8.67 -17.14
C GLU A 70 -3.03 -8.22 -16.74
N ALA A 71 -2.15 -9.16 -16.44
CA ALA A 71 -0.76 -8.86 -16.19
C ALA A 71 0.03 -9.39 -17.35
N LYS A 72 0.97 -8.58 -17.83
CA LYS A 72 1.96 -9.01 -18.78
C LYS A 72 3.21 -9.45 -18.02
N ILE A 73 3.62 -10.71 -18.20
CA ILE A 73 4.80 -11.15 -17.50
C ILE A 73 6.06 -10.79 -18.24
N LYS A 74 6.72 -9.78 -17.76
CA LYS A 74 8.01 -9.44 -18.26
C LYS A 74 8.89 -10.64 -17.92
N GLU A 75 9.99 -10.78 -18.66
CA GLU A 75 10.92 -11.88 -18.45
C GLU A 75 11.54 -11.83 -17.04
N PRO A 76 11.41 -12.91 -16.27
CA PRO A 76 11.96 -12.91 -14.93
C PRO A 76 13.44 -13.17 -14.88
N PHE A 77 13.95 -12.89 -13.69
CA PHE A 77 15.39 -12.82 -13.47
C PHE A 77 15.75 -12.88 -12.02
N ILE A 78 17.03 -13.14 -11.76
CA ILE A 78 17.50 -13.36 -10.43
C ILE A 78 18.10 -12.10 -9.89
N ILE A 79 17.77 -11.78 -8.67
CA ILE A 79 18.50 -10.85 -7.95
C ILE A 79 19.43 -11.67 -7.11
N ASN A 80 20.72 -11.45 -7.26
CA ASN A 80 21.71 -12.04 -6.42
C ASN A 80 22.00 -11.05 -5.31
N GLU A 81 21.40 -11.24 -4.14
CA GLU A 81 21.69 -10.38 -2.99
C GLU A 81 23.08 -10.74 -2.42
N LYS A 82 24.12 -10.03 -2.87
CA LYS A 82 25.50 -10.45 -2.62
C LYS A 82 25.85 -10.38 -1.12
N ASP A 83 25.25 -9.43 -0.39
CA ASP A 83 25.53 -9.22 1.06
C ASP A 83 25.14 -10.41 1.95
N GLU A 84 23.99 -11.02 1.71
CA GLU A 84 23.57 -12.18 2.50
C GLU A 84 23.39 -13.46 1.67
N LYS A 85 24.22 -13.60 0.64
CA LYS A 85 24.31 -14.84 -0.12
C LYS A 85 22.98 -15.56 -0.24
N LYS A 86 21.98 -14.82 -0.72
CA LYS A 86 20.65 -15.36 -0.96
C LYS A 86 20.17 -14.82 -2.26
N LYS A 87 19.41 -15.62 -3.00
CA LYS A 87 18.95 -15.22 -4.31
C LYS A 87 17.44 -15.19 -4.34
N TYR A 88 16.91 -14.27 -5.11
CA TYR A 88 15.49 -14.17 -5.33
C TYR A 88 15.19 -14.24 -6.80
N ILE A 89 13.99 -14.64 -7.13
CA ILE A 89 13.51 -14.53 -8.47
C ILE A 89 12.55 -13.34 -8.58
N ALA A 90 12.71 -12.52 -9.61
CA ALA A 90 11.94 -11.31 -9.68
C ALA A 90 11.06 -11.36 -10.87
N PHE A 91 9.74 -11.21 -10.67
CA PHE A 91 8.80 -11.11 -11.81
C PHE A 91 8.30 -9.73 -12.03
N LYS A 92 8.83 -9.02 -13.02
CA LYS A 92 8.32 -7.68 -13.30
C LYS A 92 7.03 -7.90 -14.06
N GLU A 94 3.29 -5.81 -15.93
CA GLU A 94 2.52 -4.63 -16.24
C GLU A 94 1.08 -5.00 -16.08
N ILE A 95 0.55 -4.73 -14.90
CA ILE A 95 -0.83 -5.02 -14.56
C ILE A 95 -1.73 -3.87 -14.98
N THR A 96 -2.84 -4.22 -15.60
CA THR A 96 -3.76 -3.21 -16.01
C THR A 96 -5.10 -3.65 -15.45
N ALA A 97 -5.71 -2.81 -14.61
CA ALA A 97 -6.98 -3.13 -13.91
C ALA A 97 -8.09 -3.00 -14.89
N LYS A 98 -9.08 -3.88 -14.76
CA LYS A 98 -10.22 -3.90 -15.64
C LYS A 98 -11.56 -3.59 -14.93
N LYS A 99 -11.56 -3.55 -13.60
CA LYS A 99 -12.71 -3.12 -12.79
C LYS A 99 -12.29 -1.99 -11.83
N ASP A 100 -13.24 -1.46 -11.05
CA ASP A 100 -12.89 -0.62 -9.91
C ASP A 100 -13.03 -1.44 -8.62
N ASP A 101 -11.92 -1.68 -7.92
CA ASP A 101 -11.87 -2.71 -6.86
C ASP A 101 -10.66 -2.51 -5.98
N LYS A 102 -10.88 -2.17 -4.71
CA LYS A 102 -9.81 -1.79 -3.78
C LYS A 102 -8.86 -2.93 -3.54
N ASP A 103 -9.41 -4.11 -3.63
CA ASP A 103 -8.56 -5.26 -3.57
C ASP A 103 -7.59 -5.37 -4.72
N LEU A 104 -7.74 -4.57 -5.76
CA LEU A 104 -6.84 -4.73 -6.88
C LEU A 104 -5.60 -3.92 -6.69
N ASN A 105 -4.74 -4.41 -5.83
CA ASN A 105 -3.41 -3.92 -5.78
C ASN A 105 -2.58 -5.11 -6.09
N PRO A 106 -1.41 -4.87 -6.61
CA PRO A 106 -0.52 -5.88 -7.08
C PRO A 106 -0.15 -6.90 -6.07
N SER A 107 0.09 -6.48 -4.84
CA SER A 107 0.51 -7.42 -3.81
C SER A 107 -0.52 -8.48 -3.60
N SER A 108 -1.76 -8.03 -3.58
CA SER A 108 -2.82 -8.88 -3.14
C SER A 108 -3.34 -9.63 -4.32
N ILE A 109 -2.93 -9.23 -5.49
CA ILE A 109 -3.19 -10.05 -6.66
C ILE A 109 -2.31 -11.28 -6.67
N SER A 110 -1.01 -11.05 -6.50
CA SER A 110 -0.04 -12.11 -6.52
C SER A 110 -0.39 -13.09 -5.43
N HIS A 111 -0.70 -12.54 -4.27
CA HIS A 111 -1.11 -13.30 -3.13
C HIS A 111 -2.33 -14.08 -3.53
N ASP A 112 -3.36 -13.41 -4.02
CA ASP A 112 -4.66 -14.05 -4.29
C ASP A 112 -4.68 -15.10 -5.44
N TYR A 113 -3.81 -14.92 -6.43
CA TYR A 113 -3.88 -15.70 -7.64
C TYR A 113 -2.64 -16.37 -8.16
N ILE A 114 -1.49 -16.24 -7.50
CA ILE A 114 -0.28 -16.78 -8.09
C ILE A 114 0.53 -17.58 -7.17
N ASN A 115 0.90 -18.77 -7.61
CA ASN A 115 1.87 -19.53 -6.87
C ASN A 115 3.10 -19.71 -7.70
N ILE A 116 4.27 -19.39 -7.14
CA ILE A 116 5.52 -19.83 -7.76
C ILE A 116 6.03 -21.07 -7.11
N THR A 117 6.51 -22.00 -7.97
CA THR A 117 7.23 -23.22 -7.56
C THR A 117 8.49 -23.44 -8.39
N GLN A 118 9.38 -24.29 -7.88
CA GLN A 118 10.68 -24.55 -8.47
C GLN A 118 11.01 -26.00 -8.33
N ASP A 119 11.41 -26.63 -9.42
CA ASP A 119 11.65 -28.08 -9.46
C ASP A 119 12.90 -28.46 -8.70
N ASP A 120 12.88 -29.64 -8.09
CA ASP A 120 14.03 -30.11 -7.31
C ASP A 120 14.16 -31.62 -7.40
N LYS A 121 15.23 -32.15 -6.87
CA LYS A 121 15.57 -33.54 -7.11
C LYS A 121 14.45 -34.50 -6.72
N ASN A 122 13.85 -34.33 -5.54
CA ASN A 122 12.76 -35.23 -5.12
C ASN A 122 11.38 -34.60 -4.95
N THR A 123 11.36 -33.27 -4.92
CA THR A 123 10.20 -32.52 -4.59
C THR A 123 9.99 -31.48 -5.63
N VAL A 124 8.84 -30.81 -5.57
CA VAL A 124 8.60 -29.56 -6.29
C VAL A 124 8.30 -28.45 -5.31
N ASN A 125 9.20 -27.50 -5.25
CA ASN A 125 9.30 -26.61 -4.11
C ASN A 125 8.51 -25.34 -4.25
N LYS A 126 7.65 -25.08 -3.26
CA LYS A 126 6.86 -23.84 -3.11
C LYS A 126 7.83 -22.75 -2.79
N LEU A 127 7.75 -21.62 -3.48
CA LEU A 127 8.66 -20.52 -3.16
C LEU A 127 8.05 -19.39 -2.31
N ARG A 128 8.77 -18.98 -1.27
CA ARG A 128 8.31 -17.92 -0.42
C ARG A 128 8.41 -16.51 -0.99
N ASP A 129 7.72 -15.58 -0.36
CA ASP A 129 7.75 -14.21 -0.77
C ASP A 129 9.00 -13.64 -0.27
N GLY A 130 9.65 -12.86 -1.12
CA GLY A 130 10.90 -12.22 -0.75
C GLY A 130 10.73 -10.79 -0.31
N TYR A 131 11.66 -10.33 0.48
CA TYR A 131 11.73 -8.93 0.83
C TYR A 131 13.18 -8.52 0.71
N LEU A 132 13.38 -7.35 0.10
CA LEU A 132 14.69 -6.77 -0.08
C LEU A 132 15.04 -5.74 0.97
N LEU A 133 16.32 -5.73 1.37
CA LEU A 133 16.79 -4.83 2.39
C LEU A 133 16.45 -3.37 2.08
N SER A 134 16.81 -2.90 0.90
CA SER A 134 16.33 -1.59 0.48
C SER A 134 15.81 -1.77 -0.91
N ASP A 135 15.42 -0.69 -1.53
CA ASP A 135 14.90 -0.84 -2.88
C ASP A 135 14.99 0.45 -3.65
N LYS A 136 16.06 1.22 -3.47
CA LYS A 136 16.24 2.35 -4.36
C LYS A 136 16.25 1.75 -5.77
N LYS A 137 16.91 0.59 -5.90
CA LYS A 137 17.16 -0.02 -7.20
C LYS A 137 15.90 -0.27 -8.03
N TYR A 138 14.91 -0.93 -7.47
CA TYR A 138 13.71 -1.27 -8.21
C TYR A 138 12.46 -0.45 -7.90
N LYS A 139 12.64 0.68 -7.21
CA LYS A 139 11.53 1.58 -6.84
C LYS A 139 10.57 1.81 -7.98
N ASP A 140 11.11 1.93 -9.16
CA ASP A 140 10.31 2.14 -10.34
C ASP A 140 9.18 1.13 -10.47
N TRP A 141 9.46 -0.10 -10.03
CA TRP A 141 8.61 -1.29 -10.22
C TRP A 141 7.93 -1.81 -8.95
N THR A 142 8.31 -1.29 -7.81
CA THR A 142 7.76 -1.75 -6.56
C THR A 142 6.88 -0.69 -5.83
N GLU A 143 7.13 0.58 -6.06
CA GLU A 143 6.40 1.69 -5.43
C GLU A 143 4.91 1.63 -5.48
N HIS A 144 4.36 0.88 -6.40
CA HIS A 144 2.92 0.76 -6.38
C HIS A 144 2.38 -0.59 -5.98
N ASN A 145 3.22 -1.47 -5.43
CA ASN A 145 2.81 -2.82 -5.18
C ASN A 145 1.68 -2.89 -4.22
N GLN A 146 1.45 -1.83 -3.46
CA GLN A 146 0.39 -1.83 -2.46
C GLN A 146 -0.82 -1.02 -2.89
N ASP A 147 -0.69 -0.25 -3.94
CA ASP A 147 -1.68 0.76 -4.19
C ASP A 147 -2.65 0.21 -5.19
N GLN A 148 -3.90 0.68 -5.16
CA GLN A 148 -4.92 0.19 -6.08
C GLN A 148 -4.68 0.75 -7.48
N ILE A 149 -5.13 0.03 -8.50
CA ILE A 149 -5.04 0.47 -9.91
C ILE A 149 -6.41 0.85 -10.50
N LYS A 150 -6.45 2.05 -11.07
CA LYS A 150 -7.67 2.63 -11.55
C LYS A 150 -8.26 1.80 -12.69
N LYS A 151 -9.57 1.90 -12.88
CA LYS A 151 -10.31 0.99 -13.76
C LYS A 151 -9.65 0.84 -15.11
N GLY A 152 -9.15 1.88 -15.71
CA GLY A 152 -8.62 1.68 -17.03
C GLY A 152 -7.12 1.66 -17.15
N LYS A 153 -6.42 1.73 -16.04
CA LYS A 153 -5.01 2.02 -16.13
C LYS A 153 -4.12 0.86 -15.88
N THR A 154 -2.84 1.08 -16.17
CA THR A 154 -1.80 0.04 -16.10
C THR A 154 -0.65 0.52 -15.24
N ALA A 155 -0.20 -0.32 -14.35
CA ALA A 155 0.97 0.00 -13.54
C ALA A 155 2.00 -1.12 -13.53
N GLN A 156 3.24 -0.74 -13.26
CA GLN A 156 4.37 -1.64 -13.20
C GLN A 156 4.45 -2.19 -11.78
N ALA A 157 4.47 -3.54 -11.67
CA ALA A 157 4.61 -4.23 -10.38
C ALA A 157 5.76 -5.16 -10.51
N PHE A 159 7.18 -8.86 -8.40
CA PHE A 159 7.05 -9.80 -7.29
C PHE A 159 8.26 -10.65 -7.10
N ILE A 160 8.74 -10.66 -5.88
CA ILE A 160 9.95 -11.34 -5.52
C ILE A 160 9.68 -12.60 -4.69
N TYR A 161 10.34 -13.69 -5.06
CA TYR A 161 10.27 -14.94 -4.33
C TYR A 161 11.64 -15.45 -4.04
N GLU A 162 11.77 -16.11 -2.92
CA GLU A 162 13.04 -16.43 -2.34
C GLU A 162 13.40 -17.71 -3.03
N LEU A 163 14.49 -17.75 -3.77
CA LEU A 163 14.90 -19.00 -4.43
C LEU A 163 15.48 -20.00 -3.47
N ARG A 164 15.30 -21.25 -3.83
CA ARG A 164 15.88 -22.35 -3.13
C ARG A 164 16.21 -23.37 -4.17
N GLY A 165 17.47 -23.45 -4.54
CA GLY A 165 17.84 -24.32 -5.62
C GLY A 165 17.97 -23.58 -6.93
N ASP A 166 18.10 -24.39 -7.97
CA ASP A 166 18.51 -23.96 -9.31
C ASP A 166 17.80 -24.82 -10.35
N GLY A 167 16.60 -25.29 -9.96
CA GLY A 167 15.77 -26.10 -10.81
C GLY A 167 15.00 -25.12 -11.63
N ASN A 168 14.25 -25.61 -12.62
CA ASN A 168 13.35 -24.75 -13.42
C ASN A 168 12.15 -24.20 -12.64
N ILE A 169 11.62 -23.08 -13.12
CA ILE A 169 10.56 -22.39 -12.40
C ILE A 169 9.24 -22.53 -13.06
N ASN A 170 8.21 -22.63 -12.24
CA ASN A 170 6.87 -22.69 -12.71
C ASN A 170 6.14 -21.53 -12.10
N LEU A 171 5.42 -20.78 -12.92
CA LEU A 171 4.47 -19.81 -12.45
C LEU A 171 3.15 -20.46 -12.54
N ASN A 172 2.44 -20.57 -11.44
CA ASN A 172 1.10 -21.16 -11.49
C ASN A 172 0.01 -20.14 -11.27
N VAL A 173 -1.16 -20.44 -11.73
CA VAL A 173 -2.22 -19.50 -11.53
C VAL A 173 -3.42 -20.26 -10.98
N HIS A 174 -4.14 -19.68 -10.04
CA HIS A 174 -5.23 -20.40 -9.44
C HIS A 174 -6.37 -19.44 -9.20
N LYS A 175 -7.61 -19.93 -9.18
CA LYS A 175 -8.75 -19.02 -8.95
C LYS A 175 -8.64 -18.48 -7.52
N TYR A 176 -9.47 -17.48 -7.19
CA TYR A 176 -9.34 -16.73 -5.92
C TYR A 176 -9.20 -17.62 -4.68
N SER A 177 -10.25 -18.34 -4.37
CA SER A 177 -10.27 -19.15 -3.17
C SER A 177 -9.33 -20.36 -3.36
N GLU A 178 -9.71 -21.25 -4.27
CA GLU A 178 -9.07 -22.54 -4.47
C GLU A 178 -7.68 -22.37 -5.08
N ASP A 179 -6.69 -23.09 -4.55
CA ASP A 179 -5.32 -22.96 -5.09
C ASP A 179 -4.85 -24.12 -6.01
N LYS A 180 -5.82 -24.90 -6.49
CA LYS A 180 -5.58 -25.78 -7.62
C LYS A 180 -5.11 -24.94 -8.81
N THR A 181 -3.96 -25.26 -9.35
CA THR A 181 -3.43 -24.57 -10.50
C THR A 181 -4.33 -24.75 -11.69
N VAL A 182 -4.58 -23.65 -12.37
CA VAL A 182 -5.51 -23.60 -13.50
C VAL A 182 -4.75 -23.44 -14.83
N ASP A 183 -3.56 -22.85 -14.74
CA ASP A 183 -2.70 -22.67 -15.88
C ASP A 183 -1.33 -22.35 -15.34
N SER A 184 -0.33 -22.39 -16.19
CA SER A 184 1.04 -22.33 -15.76
C SER A 184 1.95 -21.83 -16.86
N LYS A 185 3.14 -21.41 -16.49
CA LYS A 185 4.19 -21.13 -17.43
C LYS A 185 5.49 -21.56 -16.78
N SER A 186 6.42 -22.05 -17.60
CA SER A 186 7.66 -22.50 -17.08
C SER A 186 8.80 -21.74 -17.63
N PHE A 187 9.86 -21.62 -16.85
CA PHE A 187 11.05 -20.92 -17.30
C PHE A 187 12.25 -21.76 -17.02
N LYS A 188 13.11 -21.94 -18.02
CA LYS A 188 14.38 -22.62 -17.78
C LYS A 188 15.30 -21.68 -17.02
N PHE A 189 15.77 -22.19 -15.89
CA PHE A 189 16.57 -21.45 -14.93
C PHE A 189 17.87 -21.14 -15.55
N SER A 190 18.43 -22.17 -16.21
CA SER A 190 19.71 -22.07 -16.88
C SER A 190 19.81 -20.79 -17.68
N LYS A 191 18.71 -20.27 -18.20
CA LYS A 191 18.81 -19.20 -19.16
C LYS A 191 18.36 -17.85 -18.65
N LEU A 192 18.14 -17.76 -17.35
CA LEU A 192 17.71 -16.49 -16.77
C LEU A 192 18.88 -15.60 -16.52
N LYS A 193 18.69 -14.29 -16.74
CA LYS A 193 19.75 -13.31 -16.47
C LYS A 193 19.73 -12.96 -14.95
N THR A 194 20.88 -12.55 -14.39
CA THR A 194 21.12 -12.48 -12.95
C THR A 194 21.80 -11.16 -12.59
N GLU A 195 21.12 -10.35 -11.80
CA GLU A 195 21.57 -9.03 -11.41
C GLU A 195 21.97 -8.93 -9.94
N ASP A 196 23.19 -8.52 -9.64
CA ASP A 196 23.69 -8.41 -8.25
C ASP A 196 23.02 -7.29 -7.39
N PHE A 197 23.52 -7.11 -6.15
CA PHE A 197 23.02 -6.10 -5.21
C PHE A 197 24.06 -5.76 -4.08
N SER A 198 24.26 -4.46 -3.74
CA SER A 198 24.70 -4.06 -2.37
C SER A 198 24.05 -2.72 -1.93
N ASP B 56 -19.76 1.29 14.47
CA ASP B 56 -20.13 2.06 13.28
C ASP B 56 -19.50 3.45 13.17
N ILE B 57 -19.39 3.97 11.94
CA ILE B 57 -18.61 5.19 11.65
C ILE B 57 -19.05 5.92 10.36
N LYS B 58 -18.98 7.25 10.38
CA LYS B 58 -19.61 8.15 9.39
C LYS B 58 -18.83 9.41 9.30
N ILE B 59 -19.01 10.17 8.22
CA ILE B 59 -18.52 11.53 8.21
C ILE B 59 -19.73 12.42 8.03
N LYS B 60 -19.93 13.35 8.95
CA LYS B 60 -20.98 14.37 8.87
C LYS B 60 -20.40 15.74 8.59
N GLY B 61 -20.45 16.12 7.31
CA GLY B 61 -19.98 17.41 6.82
C GLY B 61 -18.49 17.50 6.98
N ASP B 62 -18.08 18.10 8.09
CA ASP B 62 -16.71 18.31 8.43
C ASP B 62 -16.37 17.53 9.70
N THR B 63 -17.17 16.51 10.03
CA THR B 63 -16.97 15.80 11.32
C THR B 63 -17.09 14.28 11.28
N ILE B 64 -16.08 13.59 11.78
CA ILE B 64 -16.10 12.13 11.92
C ILE B 64 -16.95 11.76 13.08
N VAL B 65 -17.71 10.69 12.96
CA VAL B 65 -18.60 10.34 14.05
C VAL B 65 -18.60 8.85 14.32
N SER B 66 -18.37 8.50 15.60
CA SER B 66 -18.48 7.12 16.08
C SER B 66 -18.99 7.06 17.53
N ASP B 67 -19.40 5.87 17.95
CA ASP B 67 -19.80 5.67 19.33
C ASP B 67 -18.72 6.19 20.29
N LYS B 68 -17.44 5.96 19.97
CA LYS B 68 -16.32 6.26 20.88
C LYS B 68 -15.82 7.70 20.79
N PHE B 69 -16.07 8.37 19.67
CA PHE B 69 -15.55 9.72 19.48
C PHE B 69 -16.07 10.42 18.22
N GLU B 70 -15.83 11.73 18.23
CA GLU B 70 -16.05 12.61 17.10
C GLU B 70 -14.81 13.45 16.87
N ALA B 71 -14.28 13.45 15.65
CA ALA B 71 -13.20 14.38 15.28
C ALA B 71 -13.75 15.43 14.35
N LYS B 72 -13.45 16.71 14.58
CA LYS B 72 -13.82 17.77 13.63
C LYS B 72 -12.62 17.95 12.72
N ILE B 73 -12.80 17.80 11.41
CA ILE B 73 -11.65 17.95 10.54
C ILE B 73 -11.40 19.38 10.19
N LYS B 74 -10.35 19.94 10.76
CA LYS B 74 -9.97 21.28 10.39
C LYS B 74 -9.45 21.15 8.96
N GLU B 75 -9.43 22.26 8.22
CA GLU B 75 -8.95 22.25 6.82
C GLU B 75 -7.46 21.85 6.71
N PRO B 76 -7.17 20.80 5.96
CA PRO B 76 -5.81 20.34 5.89
C PRO B 76 -4.98 21.20 5.00
N PHE B 77 -3.68 20.96 5.04
CA PHE B 77 -2.70 21.82 4.41
C PHE B 77 -1.37 21.11 4.33
N ILE B 78 -0.49 21.67 3.51
CA ILE B 78 0.80 21.09 3.25
C ILE B 78 1.82 21.76 4.12
N ILE B 79 2.65 20.92 4.70
CA ILE B 79 3.90 21.35 5.22
C ILE B 79 4.93 21.07 4.14
N ASN B 80 5.62 22.13 3.75
CA ASN B 80 6.70 22.03 2.82
C ASN B 80 7.96 21.98 3.64
N GLU B 81 8.49 20.79 3.86
CA GLU B 81 9.73 20.66 4.62
C GLU B 81 10.87 21.08 3.72
N LYS B 82 11.27 22.35 3.80
CA LYS B 82 12.17 22.90 2.80
C LYS B 82 13.54 22.21 2.85
N ASP B 83 13.98 21.79 4.04
CA ASP B 83 15.33 21.20 4.24
C ASP B 83 15.60 19.88 3.50
N GLU B 84 14.60 19.01 3.46
CA GLU B 84 14.76 17.74 2.74
C GLU B 84 13.78 17.55 1.57
N LYS B 85 13.38 18.67 0.96
CA LYS B 85 12.55 18.68 -0.23
C LYS B 85 11.53 17.55 -0.23
N LYS B 86 10.71 17.57 0.81
CA LYS B 86 9.65 16.61 1.04
C LYS B 86 8.43 17.39 1.45
N LYS B 87 7.25 16.87 1.18
CA LYS B 87 6.02 17.54 1.59
C LYS B 87 5.09 16.58 2.27
N TYR B 88 4.37 17.09 3.25
CA TYR B 88 3.44 16.31 4.03
C TYR B 88 2.12 17.00 3.98
N ILE B 89 1.06 16.25 4.19
CA ILE B 89 -0.26 16.80 4.34
C ILE B 89 -0.60 16.76 5.80
N ALA B 90 -1.20 17.81 6.34
CA ALA B 90 -1.42 17.83 7.77
C ALA B 90 -2.84 18.01 8.07
N PHE B 91 -3.40 17.10 8.84
CA PHE B 91 -4.79 17.19 9.22
C PHE B 91 -4.93 17.52 10.64
N LYS B 92 -5.28 18.76 10.92
CA LYS B 92 -5.49 19.18 12.30
C LYS B 92 -6.85 18.65 12.59
N GLU B 94 -10.02 18.28 16.06
CA GLU B 94 -10.48 18.46 17.43
C GLU B 94 -11.30 17.25 17.86
N ILE B 95 -10.60 16.28 18.44
CA ILE B 95 -11.18 15.00 18.82
C ILE B 95 -11.73 15.13 20.21
N THR B 96 -12.97 14.70 20.38
CA THR B 96 -13.63 14.74 21.65
C THR B 96 -14.02 13.29 21.99
N ALA B 97 -13.49 12.76 23.11
CA ALA B 97 -13.74 11.35 23.50
C ALA B 97 -15.10 11.22 24.11
N LYS B 98 -15.80 10.14 23.74
CA LYS B 98 -17.18 9.91 24.18
C LYS B 98 -17.32 8.74 25.16
N LYS B 99 -16.25 7.95 25.31
CA LYS B 99 -16.16 6.89 26.30
C LYS B 99 -14.89 7.09 27.13
N ASP B 100 -14.71 6.24 28.14
CA ASP B 100 -13.45 6.14 28.88
C ASP B 100 -12.70 4.91 28.37
N ASP B 101 -11.56 5.10 27.71
CA ASP B 101 -10.94 4.02 26.92
C ASP B 101 -9.51 4.35 26.58
N LYS B 102 -8.55 3.62 27.15
CA LYS B 102 -7.10 3.94 27.05
C LYS B 102 -6.57 3.91 25.61
N ASP B 103 -7.22 3.08 24.82
CA ASP B 103 -6.96 3.10 23.41
C ASP B 103 -7.35 4.43 22.79
N LEU B 104 -8.08 5.30 23.46
CA LEU B 104 -8.49 6.52 22.75
C LEU B 104 -7.45 7.57 22.86
N ASN B 105 -6.39 7.36 22.12
CA ASN B 105 -5.48 8.40 21.87
C ASN B 105 -5.51 8.63 20.39
N PRO B 106 -5.28 9.88 20.01
CA PRO B 106 -5.31 10.31 18.65
C PRO B 106 -4.44 9.50 17.70
N SER B 107 -3.22 9.16 18.09
CA SER B 107 -2.41 8.42 17.19
C SER B 107 -3.03 7.07 16.80
N SER B 108 -3.64 6.41 17.78
CA SER B 108 -4.12 5.07 17.57
C SER B 108 -5.54 5.13 17.07
N ILE B 109 -6.14 6.31 17.09
CA ILE B 109 -7.40 6.49 16.39
C ILE B 109 -7.12 6.48 14.91
N SER B 110 -6.18 7.34 14.49
CA SER B 110 -5.90 7.53 13.09
C SER B 110 -5.41 6.24 12.50
N HIS B 111 -4.62 5.57 13.30
CA HIS B 111 -4.09 4.29 12.93
C HIS B 111 -5.26 3.39 12.74
N ASP B 112 -6.14 3.32 13.75
CA ASP B 112 -7.25 2.35 13.79
C ASP B 112 -8.38 2.59 12.77
N TYR B 113 -8.66 3.86 12.43
CA TYR B 113 -9.87 4.20 11.65
C TYR B 113 -9.73 5.04 10.40
N ILE B 114 -8.54 5.50 10.05
CA ILE B 114 -8.40 6.43 8.92
C ILE B 114 -7.35 6.00 7.93
N ASN B 115 -7.71 6.01 6.67
CA ASN B 115 -6.74 5.82 5.63
C ASN B 115 -6.74 7.07 4.81
N ILE B 116 -5.55 7.63 4.54
CA ILE B 116 -5.42 8.68 3.52
C ILE B 116 -4.89 8.08 2.22
N THR B 117 -5.47 8.52 1.12
CA THR B 117 -4.99 8.21 -0.22
C THR B 117 -4.96 9.47 -1.07
N GLN B 118 -4.20 9.39 -2.17
CA GLN B 118 -4.01 10.50 -3.09
C GLN B 118 -4.06 10.01 -4.52
N ASP B 119 -4.87 10.67 -5.35
CA ASP B 119 -5.10 10.26 -6.70
C ASP B 119 -3.84 10.44 -7.53
N ASP B 120 -3.65 9.58 -8.53
CA ASP B 120 -2.47 9.65 -9.38
C ASP B 120 -2.78 9.10 -10.75
N LYS B 121 -1.84 9.28 -11.68
CA LYS B 121 -2.14 9.07 -13.06
C LYS B 121 -2.74 7.68 -13.32
N ASN B 122 -2.12 6.63 -12.79
CA ASN B 122 -2.62 5.24 -13.01
C ASN B 122 -3.15 4.53 -11.80
N THR B 123 -2.83 5.06 -10.63
CA THR B 123 -3.05 4.40 -9.38
C THR B 123 -3.74 5.33 -8.44
N VAL B 124 -4.25 4.77 -7.36
CA VAL B 124 -4.69 5.60 -6.23
C VAL B 124 -3.78 5.28 -5.03
N ASN B 125 -2.98 6.28 -4.66
CA ASN B 125 -1.85 6.08 -3.80
C ASN B 125 -2.15 6.15 -2.31
N LYS B 126 -1.75 5.13 -1.57
CA LYS B 126 -1.91 5.14 -0.15
C LYS B 126 -0.82 5.95 0.39
N LEU B 127 -1.11 6.76 1.39
CA LEU B 127 -0.10 7.69 1.93
C LEU B 127 0.47 7.29 3.28
N ARG B 128 1.79 7.32 3.41
CA ARG B 128 2.43 6.93 4.65
C ARG B 128 2.39 7.96 5.75
N ASP B 129 2.63 7.53 6.96
CA ASP B 129 2.61 8.41 8.09
C ASP B 129 3.83 9.22 8.05
N GLY B 130 3.69 10.51 8.35
CA GLY B 130 4.80 11.43 8.35
C GLY B 130 5.35 11.76 9.73
N TYR B 131 6.68 11.92 9.79
CA TYR B 131 7.35 12.36 11.00
C TYR B 131 8.22 13.56 10.67
N LEU B 132 8.11 14.56 11.54
CA LEU B 132 8.80 15.82 11.39
C LEU B 132 10.06 15.85 12.21
N LEU B 133 11.11 16.47 11.64
CA LEU B 133 12.39 16.55 12.34
C LEU B 133 12.24 17.14 13.74
N SER B 134 11.66 18.32 13.86
CA SER B 134 11.30 18.85 15.17
C SER B 134 9.86 19.25 15.09
N ASP B 135 9.36 19.86 16.16
CA ASP B 135 7.98 20.26 16.13
C ASP B 135 7.71 21.35 17.13
N LYS B 136 8.66 22.25 17.34
CA LYS B 136 8.35 23.39 18.16
C LYS B 136 7.13 24.03 17.52
N LYS B 137 7.11 24.03 16.20
CA LYS B 137 6.08 24.73 15.42
C LYS B 137 4.65 24.30 15.75
N TYR B 138 4.39 22.99 15.69
CA TYR B 138 3.04 22.48 15.86
C TYR B 138 2.74 21.84 17.21
N LYS B 139 3.64 22.03 18.17
CA LYS B 139 3.51 21.45 19.51
C LYS B 139 2.12 21.61 20.11
N ASP B 140 1.48 22.71 19.78
CA ASP B 140 0.12 22.99 20.24
C ASP B 140 -0.88 21.89 19.80
N TRP B 141 -0.61 21.29 18.65
CA TRP B 141 -1.51 20.29 18.05
C TRP B 141 -1.03 18.86 18.06
N THR B 142 0.21 18.64 18.46
CA THR B 142 0.76 17.32 18.45
C THR B 142 1.02 16.79 19.88
N GLU B 143 1.34 17.66 20.81
CA GLU B 143 1.70 17.23 22.15
C GLU B 143 0.77 16.21 22.80
N HIS B 144 -0.43 16.10 22.31
CA HIS B 144 -1.29 15.08 22.87
C HIS B 144 -1.61 13.97 21.94
N ASN B 145 -0.81 13.77 20.90
CA ASN B 145 -1.13 12.72 19.93
C ASN B 145 -0.99 11.34 20.51
N GLN B 146 -0.37 11.21 21.66
CA GLN B 146 -0.18 9.91 22.25
C GLN B 146 -1.04 9.68 23.48
N ASP B 147 -1.73 10.71 23.93
CA ASP B 147 -2.26 10.71 25.27
C ASP B 147 -3.74 10.44 25.24
N GLN B 148 -4.27 9.67 26.17
CA GLN B 148 -5.69 9.36 26.16
C GLN B 148 -6.55 10.62 26.40
N ILE B 149 -7.77 10.63 25.86
CA ILE B 149 -8.73 11.72 26.07
C ILE B 149 -9.90 11.37 27.01
N LYS B 150 -10.07 12.21 28.02
CA LYS B 150 -11.05 11.96 29.05
C LYS B 150 -12.48 11.91 28.47
N LYS B 151 -13.36 11.19 29.16
CA LYS B 151 -14.67 10.85 28.65
C LYS B 151 -15.41 12.06 28.10
N GLY B 152 -15.34 13.20 28.74
CA GLY B 152 -16.15 14.28 28.21
C GLY B 152 -15.40 15.23 27.35
N LYS B 153 -14.09 15.07 27.28
CA LYS B 153 -13.25 16.14 26.82
C LYS B 153 -12.78 16.08 25.38
N THR B 154 -12.20 17.18 24.95
CA THR B 154 -11.81 17.45 23.57
C THR B 154 -10.39 17.91 23.56
N ALA B 155 -9.59 17.32 22.70
CA ALA B 155 -8.23 17.76 22.49
C ALA B 155 -7.92 18.05 21.02
N GLN B 156 -6.86 18.83 20.79
CA GLN B 156 -6.33 19.08 19.46
C GLN B 156 -5.32 18.04 19.08
N ALA B 157 -5.48 17.47 17.89
CA ALA B 157 -4.55 16.48 17.35
C ALA B 157 -4.16 16.95 15.99
N PHE B 159 -2.56 15.04 12.26
CA PHE B 159 -1.98 13.86 11.66
C PHE B 159 -1.31 14.15 10.36
N ILE B 160 -0.08 13.66 10.24
CA ILE B 160 0.76 13.97 9.11
C ILE B 160 0.94 12.77 8.22
N TYR B 161 0.83 12.99 6.91
CA TYR B 161 1.12 11.96 5.96
C TYR B 161 2.01 12.52 4.93
N GLU B 162 2.80 11.63 4.36
CA GLU B 162 3.96 11.93 3.56
C GLU B 162 3.38 12.00 2.21
N LEU B 163 3.42 13.15 1.55
CA LEU B 163 2.82 13.28 0.21
C LEU B 163 3.70 12.62 -0.85
N ARG B 164 3.05 12.19 -1.93
CA ARG B 164 3.74 11.72 -3.10
C ARG B 164 2.85 12.08 -4.26
N GLY B 165 3.27 13.08 -5.01
CA GLY B 165 2.45 13.66 -6.06
C GLY B 165 1.63 14.85 -5.63
N ASP B 166 0.69 15.20 -6.50
CA ASP B 166 -0.06 16.43 -6.42
C ASP B 166 -1.50 16.17 -6.86
N GLY B 167 -2.00 14.97 -6.60
CA GLY B 167 -3.32 14.63 -7.01
C GLY B 167 -4.19 14.99 -5.86
N ASN B 168 -5.50 14.88 -6.06
CA ASN B 168 -6.45 15.20 -5.02
C ASN B 168 -6.38 14.19 -3.94
N ILE B 169 -6.83 14.59 -2.76
CA ILE B 169 -6.74 13.75 -1.58
C ILE B 169 -8.08 13.24 -1.16
N ASN B 170 -8.04 12.01 -0.64
CA ASN B 170 -9.17 11.36 -0.05
C ASN B 170 -8.81 10.97 1.33
N LEU B 171 -9.66 11.41 2.26
CA LEU B 171 -9.68 10.89 3.61
C LEU B 171 -10.71 9.78 3.66
N ASN B 172 -10.25 8.57 3.96
CA ASN B 172 -11.19 7.48 4.09
C ASN B 172 -11.43 7.14 5.53
N VAL B 173 -12.54 6.51 5.83
CA VAL B 173 -12.80 6.08 7.17
C VAL B 173 -13.28 4.64 7.12
N HIS B 174 -12.82 3.80 8.04
CA HIS B 174 -13.12 2.37 8.00
C HIS B 174 -13.40 1.85 9.42
N LYS B 175 -14.21 0.81 9.58
CA LYS B 175 -14.46 0.27 10.94
C LYS B 175 -13.17 -0.35 11.49
N TYR B 176 -13.14 -0.60 12.81
CA TYR B 176 -11.88 -0.94 13.50
C TYR B 176 -11.01 -1.96 12.73
N SER B 177 -11.50 -3.18 12.65
CA SER B 177 -10.73 -4.26 12.08
C SER B 177 -10.63 -4.04 10.58
N GLU B 178 -11.78 -4.12 9.91
CA GLU B 178 -11.86 -4.16 8.45
C GLU B 178 -11.52 -2.79 7.86
N ASP B 179 -10.70 -2.77 6.81
CA ASP B 179 -10.28 -1.48 6.20
C ASP B 179 -10.96 -1.19 4.82
N LYS B 180 -12.08 -1.85 4.60
CA LYS B 180 -13.02 -1.36 3.62
C LYS B 180 -13.52 0.02 4.04
N THR B 181 -13.31 0.98 3.17
CA THR B 181 -13.79 2.35 3.35
C THR B 181 -15.29 2.44 3.45
N VAL B 182 -15.74 3.15 4.46
CA VAL B 182 -17.13 3.24 4.86
C VAL B 182 -17.68 4.61 4.51
N ASP B 183 -16.81 5.60 4.43
CA ASP B 183 -17.20 6.96 4.11
C ASP B 183 -15.92 7.70 3.86
N SER B 184 -16.02 8.86 3.26
CA SER B 184 -14.86 9.53 2.73
C SER B 184 -15.07 11.01 2.55
N LYS B 185 -13.98 11.74 2.45
CA LYS B 185 -14.03 13.17 2.11
C LYS B 185 -12.86 13.47 1.21
N SER B 186 -13.07 14.35 0.26
CA SER B 186 -12.03 14.62 -0.70
C SER B 186 -11.65 16.08 -0.64
N PHE B 187 -10.39 16.33 -0.97
CA PHE B 187 -9.91 17.68 -1.00
C PHE B 187 -9.18 17.98 -2.29
N LYS B 188 -9.54 19.09 -2.94
CA LYS B 188 -8.80 19.48 -4.14
C LYS B 188 -7.46 19.99 -3.69
N PHE B 189 -6.43 19.39 -4.26
CA PHE B 189 -5.05 19.68 -3.93
C PHE B 189 -4.68 21.08 -4.33
N SER B 190 -5.12 21.40 -5.54
CA SER B 190 -4.89 22.69 -6.11
C SER B 190 -5.22 23.81 -5.12
N LYS B 191 -6.17 23.61 -4.19
CA LYS B 191 -6.64 24.72 -3.37
C LYS B 191 -6.23 24.69 -1.89
N LEU B 192 -5.27 23.84 -1.56
CA LEU B 192 -4.75 23.76 -0.19
C LEU B 192 -3.66 24.75 0.07
N LYS B 193 -3.67 25.37 1.24
CA LYS B 193 -2.65 26.35 1.59
C LYS B 193 -1.37 25.59 2.01
N THR B 194 -0.21 26.22 1.85
CA THR B 194 1.07 25.52 1.96
C THR B 194 2.04 26.31 2.84
N GLU B 195 2.46 25.69 3.96
CA GLU B 195 3.34 26.29 4.99
C GLU B 195 4.73 25.64 4.96
N ASP B 196 5.77 26.46 4.87
CA ASP B 196 7.17 25.99 4.88
C ASP B 196 7.68 25.51 6.27
N PHE B 197 8.99 25.21 6.32
CA PHE B 197 9.67 24.75 7.54
C PHE B 197 11.20 25.10 7.58
#